data_7KV2
#
_entry.id   7KV2
#
_cell.length_a   54.830
_cell.length_b   71.685
_cell.length_c   75.068
_cell.angle_alpha   90.000
_cell.angle_beta   105.099
_cell.angle_gamma   90.000
#
_symmetry.space_group_name_H-M   'P 1 21 1'
#
loop_
_entity.id
_entity.type
_entity.pdbx_description
1 polymer 'RagB/SusD family nutrient uptake outer membrane protein'
2 non-polymer 2-[BIS-(2-HYDROXY-ETHYL)-AMINO]-2-HYDROXYMETHYL-PROPANE-1,3-DIOL
3 non-polymer 1,2-ETHANEDIOL
4 non-polymer 'SODIUM ION'
5 water water
#
_entity_poly.entity_id   1
_entity_poly.type   'polypeptide(L)'
_entity_poly.pdbx_seq_one_letter_code
;MKKYKYIAVCLMASVLLTTGCADSFLEVSSPTDETIDTYFTTDEHIQEAVVAAYDPLHWPDWAFDEYNPVNLMSDIMADD
LWVGGDSKTDNQPWHLMMNFEAIPTNMIYGLWKCAYSGVKRCNDVITYLDWATDVTDANRAYYEAQVIALRVFYYNWVWK
FWGNVPYFDKNLTAPYVAEQLTADQLYEKMVTSLEEVIQLNVLPMREDSENYGRVTLAMVYMLYAEIVMYQNDDSRYSTA
LKYMEEIISSPQYDLMPDYTDIFKETGEWSIESIFEINYKDDNAVRDWGSPLVAGGTALPTLISPYIWPNGTDNHDRGWG
FCPVRKETYERYSNNDTRRNATCWNAQAVLDAHNAEHPGDKLSYTTRYQDTGFFLEKYAAITGNNKDQKSSSELNWNNNL
RIYRYSETLLNAAELITRGAGQGDAKKYLNLVHKRAGLVTEIEPTLDNIIEERHLEFVGEGKRYWDLIRTGKAASVLVPD
AYGYRTNSWSSSKKYLPIPQKEIDAAKGTLVQNNY
;
_entity_poly.pdbx_strand_id   AAA
#
# COMPACT_ATOMS: atom_id res chain seq x y z
N THR A 38 21.14 11.39 -27.76
CA THR A 38 20.83 10.84 -29.11
C THR A 38 19.63 9.88 -28.99
N TYR A 39 19.79 8.83 -28.16
CA TYR A 39 18.91 7.64 -27.99
C TYR A 39 17.46 8.03 -27.63
N PHE A 40 17.27 8.93 -26.65
CA PHE A 40 15.93 9.26 -26.10
C PHE A 40 15.33 10.43 -26.89
N THR A 41 15.60 10.48 -28.21
CA THR A 41 15.11 11.51 -29.16
C THR A 41 13.88 10.96 -29.91
N THR A 42 13.73 9.63 -30.01
CA THR A 42 12.61 8.97 -30.76
C THR A 42 11.48 8.49 -29.83
N ASP A 43 10.26 8.54 -30.35
CA ASP A 43 9.01 8.09 -29.68
C ASP A 43 9.20 6.67 -29.14
N GLU A 44 9.86 5.80 -29.90
CA GLU A 44 10.01 4.38 -29.55
C GLU A 44 10.81 4.27 -28.25
N HIS A 45 11.85 5.08 -28.12
CA HIS A 45 12.81 5.01 -26.98
C HIS A 45 12.19 5.70 -25.76
N ILE A 46 11.42 6.76 -25.98
CA ILE A 46 10.70 7.49 -24.90
C ILE A 46 9.64 6.54 -24.28
N GLN A 47 8.95 5.73 -25.09
CA GLN A 47 8.06 4.64 -24.60
C GLN A 47 8.84 3.71 -23.66
N GLU A 48 10.08 3.37 -23.98
CA GLU A 48 10.90 2.49 -23.10
C GLU A 48 11.18 3.22 -21.77
N ALA A 49 11.44 4.52 -21.81
CA ALA A 49 11.62 5.39 -20.62
C ALA A 49 10.32 5.46 -19.79
N VAL A 50 9.16 5.56 -20.43
CA VAL A 50 7.86 5.60 -19.70
C VAL A 50 7.71 4.26 -18.95
N VAL A 51 7.93 3.13 -19.62
CA VAL A 51 7.89 1.79 -18.97
C VAL A 51 8.87 1.80 -17.79
N ALA A 52 10.11 2.27 -17.98
CA ALA A 52 11.11 2.30 -16.89
C ALA A 52 10.60 3.11 -15.69
N ALA A 53 9.82 4.17 -15.89
CA ALA A 53 9.34 5.06 -14.80
C ALA A 53 8.40 4.31 -13.85
N TYR A 54 7.76 3.22 -14.32
CA TYR A 54 6.87 2.35 -13.50
C TYR A 54 7.68 1.39 -12.63
N ASP A 55 8.95 1.10 -12.93
CA ASP A 55 9.62 -0.05 -12.29
C ASP A 55 9.75 0.13 -10.79
N PRO A 56 10.11 1.34 -10.27
CA PRO A 56 10.29 1.50 -8.82
C PRO A 56 9.01 1.24 -7.99
N LEU A 57 7.83 1.26 -8.62
CA LEU A 57 6.58 0.78 -7.96
C LEU A 57 6.81 -0.58 -7.31
N HIS A 58 7.52 -1.51 -7.97
CA HIS A 58 7.61 -2.91 -7.50
C HIS A 58 8.92 -3.14 -6.77
N TRP A 59 9.64 -2.11 -6.35
CA TRP A 59 10.95 -2.28 -5.66
C TRP A 59 10.89 -2.42 -4.14
N PRO A 60 10.13 -1.58 -3.37
CA PRO A 60 10.42 -1.36 -1.96
C PRO A 60 10.32 -2.57 -1.03
N ASP A 61 9.58 -3.59 -1.44
CA ASP A 61 9.50 -4.85 -0.68
C ASP A 61 10.89 -5.54 -0.60
N TRP A 62 11.78 -5.28 -1.56
CA TRP A 62 13.18 -5.79 -1.50
C TRP A 62 14.04 -4.98 -2.46
N ALA A 63 14.78 -4.00 -1.92
CA ALA A 63 15.59 -3.09 -2.73
C ALA A 63 16.63 -2.39 -1.83
N PHE A 64 17.80 -2.08 -2.38
CA PHE A 64 18.83 -1.29 -1.63
C PHE A 64 19.13 -1.99 -0.31
N ASP A 65 19.19 -3.33 -0.35
CA ASP A 65 19.52 -4.28 0.75
C ASP A 65 18.54 -4.16 1.93
N GLU A 66 17.32 -3.66 1.70
CA GLU A 66 16.27 -3.61 2.73
C GLU A 66 14.93 -4.17 2.24
N TYR A 67 14.16 -4.70 3.18
CA TYR A 67 12.72 -5.06 3.02
C TYR A 67 11.88 -3.95 3.60
N ASN A 68 11.30 -3.09 2.76
CA ASN A 68 10.44 -1.96 3.18
C ASN A 68 9.09 -2.05 2.42
N PRO A 69 8.36 -3.19 2.47
CA PRO A 69 7.08 -3.30 1.78
C PRO A 69 6.16 -2.17 2.24
N VAL A 70 5.65 -1.39 1.28
CA VAL A 70 5.12 -0.05 1.56
C VAL A 70 3.84 -0.13 2.42
N ASN A 71 2.99 -1.11 2.18
CA ASN A 71 1.80 -1.34 3.03
C ASN A 71 2.24 -1.61 4.47
N LEU A 72 3.14 -2.55 4.71
CA LEU A 72 3.45 -2.98 6.09
C LEU A 72 4.15 -1.82 6.80
N MET A 73 4.93 -1.02 6.06
CA MET A 73 5.68 0.08 6.72
C MET A 73 4.71 1.02 7.47
N SER A 74 3.49 1.26 6.98
CA SER A 74 2.47 2.01 7.75
C SER A 74 1.73 1.09 8.70
N ASP A 75 1.33 -0.13 8.29
CA ASP A 75 0.44 -0.94 9.16
C ASP A 75 1.14 -1.28 10.48
N ILE A 76 2.46 -1.47 10.50
CA ILE A 76 3.15 -1.83 11.77
C ILE A 76 2.96 -0.66 12.77
N MET A 77 2.67 0.57 12.30
CA MET A 77 2.51 1.74 13.21
C MET A 77 1.05 1.91 13.67
N ALA A 78 0.16 1.03 13.22
CA ALA A 78 -1.26 1.13 13.63
C ALA A 78 -1.58 0.08 14.70
N ASP A 79 -2.77 -0.55 14.64
CA ASP A 79 -3.36 -1.30 15.76
C ASP A 79 -3.84 -2.68 15.28
N ASP A 80 -3.30 -3.23 14.18
CA ASP A 80 -3.92 -4.45 13.57
C ASP A 80 -2.97 -5.63 13.55
N LEU A 81 -1.67 -5.36 13.40
CA LEU A 81 -0.60 -6.37 13.26
C LEU A 81 0.40 -6.17 14.37
N TRP A 82 1.19 -7.18 14.65
CA TRP A 82 2.46 -7.03 15.37
C TRP A 82 3.61 -6.90 14.34
N VAL A 83 4.86 -6.93 14.82
CA VAL A 83 6.03 -6.75 13.92
C VAL A 83 6.69 -8.10 13.68
N GLY A 84 6.88 -8.88 14.73
CA GLY A 84 7.36 -10.26 14.65
C GLY A 84 8.86 -10.36 14.35
N GLY A 85 9.25 -11.42 13.64
CA GLY A 85 10.67 -11.79 13.44
C GLY A 85 11.22 -12.50 14.65
N ASP A 86 12.52 -12.73 14.67
CA ASP A 86 13.18 -13.48 15.76
C ASP A 86 12.95 -12.75 17.08
N SER A 87 13.03 -11.43 17.09
CA SER A 87 13.08 -10.58 18.31
C SER A 87 12.86 -9.14 17.94
N LYS A 88 12.85 -8.25 18.93
CA LYS A 88 12.74 -6.79 18.68
C LYS A 88 13.98 -6.19 17.99
N THR A 89 15.03 -6.97 17.75
CA THR A 89 16.22 -6.52 16.97
C THR A 89 16.24 -7.12 15.56
N ASP A 90 15.27 -7.97 15.20
CA ASP A 90 15.19 -8.54 13.82
C ASP A 90 14.37 -7.56 12.98
N ASN A 91 14.95 -6.89 11.99
CA ASN A 91 14.32 -5.72 11.33
C ASN A 91 14.05 -4.65 12.40
N GLN A 92 15.06 -4.27 13.20
CA GLN A 92 14.86 -3.38 14.36
C GLN A 92 14.19 -2.08 13.94
N PRO A 93 14.52 -1.48 12.77
CA PRO A 93 13.87 -0.23 12.38
C PRO A 93 12.35 -0.37 12.38
N TRP A 94 11.82 -1.56 12.04
CA TRP A 94 10.34 -1.74 12.03
C TRP A 94 9.81 -1.68 13.47
N HIS A 95 10.50 -2.36 14.37
CA HIS A 95 10.12 -2.40 15.81
C HIS A 95 10.17 -0.97 16.38
N LEU A 96 11.19 -0.21 16.02
CA LEU A 96 11.29 1.18 16.52
C LEU A 96 10.14 2.03 15.98
N MET A 97 9.85 1.98 14.67
CA MET A 97 8.73 2.75 14.10
C MET A 97 7.41 2.39 14.80
N MET A 98 7.20 1.11 15.04
CA MET A 98 5.94 0.61 15.62
C MET A 98 5.74 1.22 17.01
N ASN A 99 6.81 1.36 17.77
CA ASN A 99 6.79 1.89 19.16
C ASN A 99 7.09 3.40 19.19
N PHE A 100 6.99 4.10 18.06
CA PHE A 100 7.14 5.58 17.92
C PHE A 100 8.48 6.03 18.53
N GLU A 101 9.55 5.26 18.34
CA GLU A 101 10.92 5.55 18.86
C GLU A 101 11.96 5.36 17.72
N ALA A 102 11.56 5.55 16.46
CA ALA A 102 12.48 5.56 15.32
C ALA A 102 13.58 6.59 15.60
N ILE A 103 14.81 6.26 15.25
CA ILE A 103 15.98 7.18 15.29
C ILE A 103 16.65 7.21 13.93
N PRO A 104 17.16 8.41 13.56
CA PRO A 104 17.76 8.65 12.25
C PRO A 104 18.84 7.66 11.80
N THR A 105 19.63 7.14 12.75
CA THR A 105 20.70 6.15 12.51
C THR A 105 20.19 4.70 12.56
N ASN A 106 18.89 4.43 12.74
CA ASN A 106 18.35 3.04 12.73
C ASN A 106 16.95 3.11 12.11
N MET A 107 16.89 3.62 10.89
CA MET A 107 15.61 3.95 10.22
C MET A 107 15.53 3.21 8.89
N ILE A 108 14.32 3.03 8.35
CA ILE A 108 14.18 2.45 7.01
C ILE A 108 14.70 3.48 6.01
N TYR A 109 15.32 3.00 4.96
CA TYR A 109 15.97 3.85 3.93
C TYR A 109 15.64 3.35 2.51
N GLY A 110 15.30 2.07 2.35
CA GLY A 110 14.96 1.51 1.03
C GLY A 110 13.83 2.27 0.34
N LEU A 111 12.78 2.58 1.10
CA LEU A 111 11.55 3.16 0.52
C LEU A 111 11.88 4.57 0.02
N TRP A 112 12.68 5.30 0.79
CA TRP A 112 13.16 6.66 0.40
C TRP A 112 13.87 6.55 -0.96
N LYS A 113 14.78 5.62 -1.11
CA LYS A 113 15.62 5.45 -2.32
C LYS A 113 14.73 5.01 -3.48
N CYS A 114 13.72 4.17 -3.22
CA CYS A 114 12.76 3.76 -4.29
C CYS A 114 11.93 4.96 -4.74
N ALA A 115 11.44 5.79 -3.83
CA ALA A 115 10.57 6.93 -4.15
C ALA A 115 11.34 7.89 -5.05
N TYR A 116 12.59 8.19 -4.68
CA TYR A 116 13.38 9.20 -5.43
C TYR A 116 13.88 8.59 -6.74
N SER A 117 14.09 7.27 -6.83
CA SER A 117 14.41 6.60 -8.13
C SER A 117 13.21 6.77 -9.07
N GLY A 118 12.01 6.54 -8.56
CA GLY A 118 10.78 6.79 -9.32
C GLY A 118 10.71 8.23 -9.84
N VAL A 119 10.87 9.20 -8.94
CA VAL A 119 10.82 10.65 -9.25
C VAL A 119 11.84 10.94 -10.36
N LYS A 120 13.06 10.45 -10.24
CA LYS A 120 14.15 10.72 -11.22
C LYS A 120 13.74 10.16 -12.58
N ARG A 121 13.19 8.96 -12.63
CA ARG A 121 12.81 8.34 -13.92
C ARG A 121 11.66 9.12 -14.57
N CYS A 122 10.71 9.64 -13.79
CA CYS A 122 9.58 10.49 -14.26
C CYS A 122 10.16 11.79 -14.88
N ASN A 123 11.06 12.45 -14.17
CA ASN A 123 11.73 13.70 -14.61
C ASN A 123 12.49 13.46 -15.93
N ASP A 124 13.17 12.32 -16.07
CA ASP A 124 13.91 11.92 -17.29
C ASP A 124 12.98 11.97 -18.50
N VAL A 125 11.77 11.41 -18.38
CA VAL A 125 10.79 11.38 -19.49
C VAL A 125 10.38 12.81 -19.88
N ILE A 126 10.12 13.69 -18.91
CA ILE A 126 9.73 15.08 -19.22
C ILE A 126 10.89 15.77 -19.96
N THR A 127 12.12 15.50 -19.55
CA THR A 127 13.36 16.06 -20.16
C THR A 127 13.43 15.55 -21.60
N TYR A 128 13.37 14.24 -21.80
CA TYR A 128 13.38 13.63 -23.15
C TYR A 128 12.32 14.25 -24.07
N LEU A 129 11.10 14.49 -23.59
CA LEU A 129 10.00 15.08 -24.42
C LEU A 129 10.32 16.52 -24.86
N ASP A 130 11.19 17.27 -24.17
CA ASP A 130 11.59 18.63 -24.61
C ASP A 130 12.54 18.57 -25.82
N TRP A 131 13.15 17.41 -26.08
CA TRP A 131 14.15 17.16 -27.15
C TRP A 131 13.62 16.10 -28.13
N ALA A 132 12.30 15.98 -28.31
CA ALA A 132 11.66 14.85 -29.05
C ALA A 132 11.56 15.16 -30.56
N THR A 133 12.03 14.23 -31.40
CA THR A 133 11.96 14.30 -32.88
C THR A 133 10.50 14.09 -33.31
N ASP A 134 9.97 12.88 -33.11
CA ASP A 134 8.81 12.34 -33.87
C ASP A 134 7.65 11.96 -32.94
N VAL A 135 7.38 12.77 -31.91
CA VAL A 135 6.30 12.49 -30.91
C VAL A 135 5.07 13.33 -31.23
N THR A 136 3.95 12.68 -31.57
CA THR A 136 2.65 13.33 -31.86
C THR A 136 2.17 14.08 -30.62
N ASP A 137 1.25 15.03 -30.78
CA ASP A 137 0.68 15.83 -29.67
C ASP A 137 -0.11 14.93 -28.72
N ALA A 138 -0.87 13.97 -29.24
CA ALA A 138 -1.70 13.05 -28.43
C ALA A 138 -0.79 12.14 -27.60
N ASN A 139 0.35 11.70 -28.16
CA ASN A 139 1.26 10.76 -27.45
C ASN A 139 2.03 11.53 -26.37
N ARG A 140 2.52 12.73 -26.70
CA ARG A 140 3.24 13.56 -25.72
C ARG A 140 2.39 13.65 -24.45
N ALA A 141 1.13 14.06 -24.60
CA ALA A 141 0.18 14.34 -23.49
C ALA A 141 -0.04 13.04 -22.68
N TYR A 142 -0.15 11.89 -23.36
CA TYR A 142 -0.35 10.57 -22.72
C TYR A 142 0.90 10.19 -21.93
N TYR A 143 2.10 10.33 -22.50
CA TYR A 143 3.37 10.02 -21.80
C TYR A 143 3.49 10.92 -20.56
N GLU A 144 3.17 12.19 -20.74
CA GLU A 144 3.19 13.22 -19.67
C GLU A 144 2.19 12.83 -18.58
N ALA A 145 0.97 12.48 -18.96
CA ALA A 145 -0.07 12.08 -17.98
C ALA A 145 0.46 10.92 -17.11
N GLN A 146 1.09 9.91 -17.70
CA GLN A 146 1.57 8.73 -16.92
C GLN A 146 2.68 9.13 -15.96
N VAL A 147 3.71 9.82 -16.46
CA VAL A 147 4.89 10.09 -15.59
C VAL A 147 4.58 11.21 -14.60
N ILE A 148 3.72 12.20 -14.86
CA ILE A 148 3.41 13.20 -13.81
C ILE A 148 2.58 12.51 -12.70
N ALA A 149 1.67 11.62 -13.06
CA ALA A 149 0.84 10.89 -12.08
C ALA A 149 1.73 9.96 -11.27
N LEU A 150 2.62 9.21 -11.91
CA LEU A 150 3.62 8.37 -11.19
C LEU A 150 4.46 9.25 -10.28
N ARG A 151 4.82 10.45 -10.74
CA ARG A 151 5.71 11.28 -9.91
C ARG A 151 5.01 11.65 -8.61
N VAL A 152 3.73 12.00 -8.64
CA VAL A 152 2.91 12.33 -7.45
C VAL A 152 2.80 11.07 -6.58
N PHE A 153 2.64 9.91 -7.21
CA PHE A 153 2.52 8.59 -6.50
C PHE A 153 3.81 8.35 -5.70
N TYR A 154 4.98 8.60 -6.27
CA TYR A 154 6.26 8.40 -5.58
C TYR A 154 6.46 9.47 -4.48
N TYR A 155 6.11 10.74 -4.77
CA TYR A 155 6.21 11.83 -3.77
C TYR A 155 5.26 11.55 -2.58
N ASN A 156 4.13 10.90 -2.84
CA ASN A 156 3.16 10.55 -1.79
C ASN A 156 3.83 9.58 -0.80
N TRP A 157 4.69 8.67 -1.27
CA TRP A 157 5.36 7.72 -0.35
C TRP A 157 6.20 8.57 0.64
N VAL A 158 7.00 9.50 0.14
CA VAL A 158 7.89 10.29 1.06
C VAL A 158 7.12 11.38 1.79
N TRP A 159 6.09 11.94 1.18
CA TRP A 159 5.22 12.96 1.81
C TRP A 159 4.57 12.36 3.06
N LYS A 160 3.96 11.17 2.91
CA LYS A 160 3.27 10.54 4.05
C LYS A 160 4.27 10.15 5.13
N PHE A 161 5.35 9.45 4.80
CA PHE A 161 6.22 8.85 5.84
C PHE A 161 7.12 9.93 6.45
N TRP A 162 7.59 10.90 5.67
CA TRP A 162 8.60 11.87 6.20
C TRP A 162 8.14 13.33 6.13
N GLY A 163 7.23 13.70 5.22
CA GLY A 163 6.52 14.99 5.19
C GLY A 163 7.35 16.11 4.55
N ASN A 164 8.37 16.58 5.26
CA ASN A 164 9.21 17.77 4.87
C ASN A 164 10.46 17.30 4.14
N VAL A 165 10.40 17.12 2.82
CA VAL A 165 11.42 16.32 2.05
C VAL A 165 11.85 17.09 0.80
N PRO A 166 12.99 16.72 0.18
CA PRO A 166 13.45 17.37 -1.05
C PRO A 166 12.42 17.26 -2.19
N TYR A 167 12.28 18.32 -3.00
CA TYR A 167 11.38 18.35 -4.16
C TYR A 167 12.18 18.78 -5.40
N PHE A 168 11.94 18.12 -6.53
CA PHE A 168 12.53 18.49 -7.84
C PHE A 168 11.65 17.91 -8.97
N ASP A 169 11.51 18.68 -10.07
CA ASP A 169 10.83 18.21 -11.32
C ASP A 169 11.81 18.15 -12.50
N LYS A 170 13.12 18.36 -12.26
CA LYS A 170 14.24 18.17 -13.23
C LYS A 170 15.43 17.58 -12.48
N ASN A 171 16.23 16.72 -13.13
CA ASN A 171 17.44 16.06 -12.56
C ASN A 171 18.66 16.94 -12.87
N GLU A 179 14.65 23.69 -1.76
CA GLU A 179 14.81 22.29 -2.24
C GLU A 179 14.17 21.29 -1.25
N GLN A 180 14.48 21.35 0.06
CA GLN A 180 13.59 20.74 1.10
C GLN A 180 12.30 21.57 1.15
N LEU A 181 11.14 20.97 0.89
CA LEU A 181 9.85 21.67 1.09
C LEU A 181 9.26 21.27 2.44
N THR A 182 8.34 22.10 2.95
CA THR A 182 7.41 21.72 4.06
C THR A 182 6.44 20.68 3.47
N ALA A 183 5.89 19.81 4.31
CA ALA A 183 4.81 18.87 3.90
C ALA A 183 3.71 19.63 3.14
N ASP A 184 3.25 20.77 3.70
CA ASP A 184 2.16 21.60 3.10
C ASP A 184 2.58 22.12 1.72
N GLN A 185 3.83 22.52 1.57
CA GLN A 185 4.33 22.97 0.24
C GLN A 185 4.37 21.77 -0.72
N LEU A 186 4.73 20.58 -0.26
CA LEU A 186 4.83 19.41 -1.18
C LEU A 186 3.40 19.04 -1.62
N TYR A 187 2.42 19.08 -0.70
CA TYR A 187 0.99 18.83 -1.00
C TYR A 187 0.57 19.72 -2.17
N GLU A 188 0.94 20.99 -2.08
CA GLU A 188 0.59 21.99 -3.11
C GLU A 188 1.12 21.54 -4.47
N LYS A 189 2.39 21.14 -4.57
CA LYS A 189 2.99 20.68 -5.84
C LYS A 189 2.23 19.42 -6.31
N MET A 190 1.99 18.49 -5.38
CA MET A 190 1.31 17.19 -5.72
C MET A 190 -0.08 17.44 -6.28
N VAL A 191 -0.93 18.15 -5.55
CA VAL A 191 -2.35 18.30 -5.95
C VAL A 191 -2.44 19.08 -7.27
N THR A 192 -1.61 20.10 -7.46
CA THR A 192 -1.59 20.90 -8.72
C THR A 192 -1.19 19.98 -9.90
N SER A 193 -0.17 19.13 -9.73
CA SER A 193 0.24 18.14 -10.77
C SER A 193 -0.91 17.22 -11.15
N LEU A 194 -1.66 16.72 -10.16
CA LEU A 194 -2.82 15.84 -10.44
C LEU A 194 -3.88 16.64 -11.24
N GLU A 195 -4.13 17.90 -10.89
CA GLU A 195 -5.11 18.76 -11.62
C GLU A 195 -4.68 18.84 -13.09
N GLU A 196 -3.39 19.02 -13.34
CA GLU A 196 -2.84 19.14 -14.72
C GLU A 196 -3.03 17.84 -15.47
N VAL A 197 -2.74 16.70 -14.83
CA VAL A 197 -2.90 15.39 -15.48
C VAL A 197 -4.37 15.21 -15.82
N ILE A 198 -5.27 15.55 -14.89
CA ILE A 198 -6.73 15.36 -15.11
C ILE A 198 -7.12 16.23 -16.32
N GLN A 199 -6.60 17.45 -16.36
CA GLN A 199 -6.99 18.42 -17.42
C GLN A 199 -6.42 18.00 -18.77
N LEU A 200 -5.36 17.19 -18.85
CA LEU A 200 -4.85 16.72 -20.17
C LEU A 200 -5.95 15.89 -20.86
N ASN A 201 -6.80 15.20 -20.10
CA ASN A 201 -7.99 14.46 -20.61
C ASN A 201 -7.57 13.39 -21.62
N VAL A 202 -6.54 12.60 -21.31
CA VAL A 202 -5.97 11.56 -22.20
C VAL A 202 -5.98 10.18 -21.54
N LEU A 203 -6.22 10.08 -20.24
CA LEU A 203 -6.13 8.77 -19.55
C LEU A 203 -7.46 8.04 -19.68
N PRO A 204 -7.46 6.72 -19.93
CA PRO A 204 -8.72 5.98 -19.91
C PRO A 204 -9.22 5.81 -18.47
N MET A 205 -10.52 5.58 -18.32
CA MET A 205 -11.16 5.31 -17.00
C MET A 205 -10.67 3.95 -16.48
N ARG A 206 -10.51 2.96 -17.36
CA ARG A 206 -10.03 1.59 -17.00
C ARG A 206 -9.14 1.09 -18.13
N GLU A 207 -8.11 0.33 -17.79
CA GLU A 207 -7.26 -0.31 -18.82
C GLU A 207 -7.87 -1.61 -19.34
N ASP A 208 -7.22 -2.20 -20.34
CA ASP A 208 -7.54 -3.53 -20.89
C ASP A 208 -6.50 -4.54 -20.41
N SER A 209 -6.71 -5.80 -20.76
CA SER A 209 -5.88 -6.94 -20.30
C SER A 209 -4.41 -6.77 -20.68
N GLU A 210 -4.15 -6.19 -21.84
CA GLU A 210 -2.78 -5.96 -22.38
C GLU A 210 -2.05 -4.89 -21.53
N ASN A 211 -2.73 -3.97 -20.89
CA ASN A 211 -2.03 -2.80 -20.28
C ASN A 211 -2.36 -2.60 -18.79
N TYR A 212 -2.96 -3.58 -18.09
CA TYR A 212 -3.26 -3.38 -16.64
C TYR A 212 -1.94 -3.06 -15.94
N GLY A 213 -1.96 -2.07 -15.07
CA GLY A 213 -0.77 -1.54 -14.37
C GLY A 213 -0.47 -0.12 -14.82
N ARG A 214 -0.95 0.29 -16.02
N ARG A 214 -0.96 0.30 -16.00
CA ARG A 214 -0.71 1.67 -16.54
CA ARG A 214 -0.70 1.67 -16.51
C ARG A 214 -1.58 2.63 -15.72
C ARG A 214 -1.58 2.63 -15.71
N VAL A 215 -1.13 3.86 -15.56
CA VAL A 215 -1.95 4.93 -14.97
C VAL A 215 -3.27 5.04 -15.74
N THR A 216 -4.36 5.21 -15.00
CA THR A 216 -5.72 5.45 -15.49
C THR A 216 -6.29 6.67 -14.76
N LEU A 217 -7.37 7.24 -15.33
CA LEU A 217 -8.09 8.35 -14.69
C LEU A 217 -8.57 7.88 -13.31
N ALA A 218 -9.10 6.67 -13.17
CA ALA A 218 -9.66 6.21 -11.87
C ALA A 218 -8.53 6.16 -10.85
N MET A 219 -7.34 5.72 -11.26
CA MET A 219 -6.18 5.66 -10.34
C MET A 219 -5.85 7.10 -9.90
N VAL A 220 -5.88 8.03 -10.83
CA VAL A 220 -5.51 9.45 -10.51
C VAL A 220 -6.56 10.03 -9.56
N TYR A 221 -7.83 9.73 -9.79
CA TYR A 221 -8.98 10.17 -8.95
C TYR A 221 -8.76 9.66 -7.53
N MET A 222 -8.36 8.42 -7.41
CA MET A 222 -8.17 7.82 -6.06
C MET A 222 -6.95 8.46 -5.36
N LEU A 223 -5.84 8.66 -6.07
CA LEU A 223 -4.65 9.32 -5.52
C LEU A 223 -4.99 10.77 -5.11
N TYR A 224 -5.84 11.44 -5.89
CA TYR A 224 -6.32 12.82 -5.60
C TYR A 224 -7.10 12.79 -4.28
N ALA A 225 -8.08 11.89 -4.16
CA ALA A 225 -8.91 11.77 -2.93
C ALA A 225 -8.01 11.45 -1.73
N GLU A 226 -7.04 10.56 -1.94
CA GLU A 226 -6.08 10.14 -0.90
C GLU A 226 -5.35 11.36 -0.33
N ILE A 227 -4.71 12.16 -1.17
CA ILE A 227 -3.83 13.26 -0.66
C ILE A 227 -4.73 14.42 -0.14
N VAL A 228 -5.85 14.68 -0.80
CA VAL A 228 -6.86 15.71 -0.36
C VAL A 228 -7.34 15.36 1.04
N MET A 229 -7.65 14.09 1.28
CA MET A 229 -8.22 13.71 2.59
C MET A 229 -7.12 13.67 3.63
N TYR A 230 -5.91 13.23 3.29
CA TYR A 230 -4.84 13.17 4.30
C TYR A 230 -4.46 14.61 4.74
N GLN A 231 -4.54 15.56 3.80
CA GLN A 231 -4.19 16.98 4.03
C GLN A 231 -5.30 17.68 4.82
N ASN A 232 -6.51 17.12 4.83
CA ASN A 232 -7.73 17.73 5.40
C ASN A 232 -8.02 19.00 4.59
N ASP A 233 -7.84 18.92 3.26
CA ASP A 233 -8.01 20.10 2.37
C ASP A 233 -9.48 20.19 1.98
N ASP A 234 -10.29 20.77 2.87
CA ASP A 234 -11.77 20.83 2.74
C ASP A 234 -12.12 21.64 1.48
N SER A 235 -11.20 22.47 1.00
CA SER A 235 -11.42 23.27 -0.23
C SER A 235 -11.54 22.33 -1.44
N ARG A 236 -11.11 21.07 -1.35
CA ARG A 236 -11.07 20.17 -2.51
C ARG A 236 -11.97 18.95 -2.30
N TYR A 237 -12.72 18.90 -1.19
CA TYR A 237 -13.61 17.76 -0.84
C TYR A 237 -14.72 17.56 -1.88
N SER A 238 -15.34 18.64 -2.36
CA SER A 238 -16.46 18.55 -3.34
C SER A 238 -15.96 17.98 -4.66
N THR A 239 -14.77 18.38 -5.10
CA THR A 239 -14.10 17.85 -6.32
C THR A 239 -13.75 16.35 -6.12
N ALA A 240 -13.15 16.02 -4.98
CA ALA A 240 -12.82 14.63 -4.65
C ALA A 240 -14.10 13.79 -4.67
N LEU A 241 -15.21 14.32 -4.13
CA LEU A 241 -16.49 13.59 -4.13
C LEU A 241 -16.98 13.39 -5.56
N LYS A 242 -17.01 14.45 -6.38
CA LYS A 242 -17.40 14.35 -7.80
C LYS A 242 -16.59 13.24 -8.51
N TYR A 243 -15.29 13.14 -8.25
CA TYR A 243 -14.40 12.10 -8.85
C TYR A 243 -14.80 10.70 -8.38
N MET A 244 -15.06 10.53 -7.07
CA MET A 244 -15.55 9.24 -6.54
C MET A 244 -16.87 8.89 -7.24
N GLU A 245 -17.76 9.86 -7.42
CA GLU A 245 -19.07 9.61 -8.06
C GLU A 245 -18.86 9.17 -9.51
N GLU A 246 -17.85 9.68 -10.21
CA GLU A 246 -17.58 9.29 -11.62
C GLU A 246 -17.19 7.81 -11.68
N ILE A 247 -16.34 7.35 -10.76
CA ILE A 247 -15.95 5.91 -10.66
C ILE A 247 -17.18 5.10 -10.31
N ILE A 248 -18.00 5.56 -9.36
CA ILE A 248 -19.22 4.84 -8.93
C ILE A 248 -20.17 4.74 -10.14
N SER A 249 -20.28 5.79 -10.96
CA SER A 249 -21.19 5.75 -12.14
C SER A 249 -20.66 4.78 -13.20
N SER A 250 -19.34 4.53 -13.29
CA SER A 250 -18.80 3.58 -14.28
C SER A 250 -19.37 2.19 -14.04
N PRO A 251 -19.88 1.53 -15.10
CA PRO A 251 -20.26 0.13 -14.99
C PRO A 251 -18.99 -0.76 -14.93
N GLN A 252 -17.79 -0.20 -15.03
CA GLN A 252 -16.61 -1.12 -15.10
C GLN A 252 -15.80 -1.12 -13.79
N TYR A 253 -16.41 -0.61 -12.73
CA TYR A 253 -15.91 -0.71 -11.34
C TYR A 253 -17.09 -1.11 -10.45
N ASP A 254 -16.89 -2.09 -9.60
CA ASP A 254 -17.97 -2.60 -8.73
C ASP A 254 -17.31 -3.46 -7.67
N LEU A 255 -18.09 -3.94 -6.71
CA LEU A 255 -17.58 -4.85 -5.64
C LEU A 255 -17.62 -6.29 -6.14
N MET A 256 -16.58 -7.07 -5.85
CA MET A 256 -16.63 -8.53 -6.04
C MET A 256 -17.67 -9.03 -5.04
N PRO A 257 -18.58 -9.93 -5.44
CA PRO A 257 -19.61 -10.34 -4.50
C PRO A 257 -19.06 -11.08 -3.29
N ASP A 258 -17.93 -11.78 -3.43
CA ASP A 258 -17.34 -12.60 -2.33
C ASP A 258 -15.97 -12.02 -1.95
N TYR A 259 -15.85 -11.45 -0.76
CA TYR A 259 -14.60 -10.75 -0.36
C TYR A 259 -13.42 -11.75 -0.44
N THR A 260 -13.67 -13.04 -0.21
CA THR A 260 -12.62 -14.10 -0.25
C THR A 260 -12.07 -14.29 -1.67
N ASP A 261 -12.63 -13.71 -2.73
CA ASP A 261 -12.10 -13.87 -4.10
C ASP A 261 -11.09 -12.74 -4.46
N ILE A 262 -11.01 -11.71 -3.65
CA ILE A 262 -10.26 -10.47 -3.99
C ILE A 262 -8.75 -10.78 -4.12
N PHE A 263 -8.17 -11.44 -3.12
CA PHE A 263 -6.70 -11.55 -2.91
C PHE A 263 -6.17 -12.85 -3.49
N LYS A 264 -7.06 -13.66 -4.07
CA LYS A 264 -6.67 -14.79 -4.94
C LYS A 264 -6.01 -14.26 -6.20
N GLU A 265 -5.19 -15.11 -6.82
CA GLU A 265 -4.54 -14.73 -8.08
C GLU A 265 -5.63 -14.42 -9.13
N THR A 266 -6.73 -15.19 -9.16
CA THR A 266 -7.88 -14.90 -10.04
C THR A 266 -8.56 -13.56 -9.73
N GLY A 267 -8.30 -12.94 -8.58
CA GLY A 267 -8.90 -11.64 -8.23
C GLY A 267 -8.06 -10.46 -8.68
N GLU A 268 -6.88 -10.70 -9.26
CA GLU A 268 -6.04 -9.60 -9.79
C GLU A 268 -6.80 -8.88 -10.91
N TRP A 269 -6.80 -7.56 -10.86
CA TRP A 269 -7.41 -6.69 -11.90
C TRP A 269 -8.87 -7.11 -12.14
N SER A 270 -9.59 -7.38 -11.06
CA SER A 270 -11.03 -7.75 -11.10
C SER A 270 -11.86 -6.48 -11.33
N ILE A 271 -13.18 -6.63 -11.28
CA ILE A 271 -14.06 -5.44 -11.42
C ILE A 271 -13.85 -4.48 -10.24
N GLU A 272 -13.30 -4.99 -9.13
CA GLU A 272 -13.06 -4.15 -7.93
C GLU A 272 -11.75 -3.38 -8.02
N SER A 273 -10.81 -3.81 -8.86
CA SER A 273 -9.43 -3.26 -8.86
C SER A 273 -9.39 -1.97 -9.65
N ILE A 274 -9.00 -0.87 -9.01
CA ILE A 274 -8.66 0.44 -9.63
C ILE A 274 -7.16 0.51 -9.90
N PHE A 275 -6.33 0.07 -8.95
CA PHE A 275 -4.87 0.06 -9.19
C PHE A 275 -4.21 -1.02 -8.33
N GLU A 276 -3.27 -1.71 -8.97
CA GLU A 276 -2.37 -2.73 -8.35
C GLU A 276 -0.96 -2.47 -8.83
N ILE A 277 0.01 -2.92 -8.03
CA ILE A 277 1.39 -3.07 -8.46
C ILE A 277 1.58 -4.52 -8.86
N ASN A 278 1.98 -4.73 -10.11
CA ASN A 278 2.10 -6.08 -10.73
C ASN A 278 3.32 -6.79 -10.20
N TYR A 279 3.14 -8.05 -9.84
CA TYR A 279 4.20 -9.02 -9.54
C TYR A 279 3.88 -10.33 -10.24
N LYS A 280 4.89 -11.09 -10.69
CA LYS A 280 4.63 -12.39 -11.36
C LYS A 280 5.60 -13.47 -10.85
N ASP A 281 5.19 -14.74 -10.87
CA ASP A 281 6.14 -15.87 -10.67
C ASP A 281 6.57 -16.47 -12.02
N ASP A 282 5.78 -16.32 -13.08
CA ASP A 282 5.98 -17.03 -14.38
C ASP A 282 7.35 -16.63 -14.97
N ASN A 283 8.33 -17.55 -14.96
CA ASN A 283 9.76 -17.33 -15.38
C ASN A 283 10.35 -16.10 -14.66
N ALA A 284 9.94 -15.85 -13.40
CA ALA A 284 10.40 -14.67 -12.62
C ALA A 284 11.82 -14.96 -12.09
N VAL A 285 12.72 -13.97 -12.14
CA VAL A 285 14.16 -14.17 -11.79
C VAL A 285 14.64 -13.10 -10.80
N ARG A 286 13.74 -12.55 -9.95
CA ARG A 286 14.15 -11.64 -8.86
C ARG A 286 15.01 -12.48 -7.89
N ASP A 287 16.07 -11.89 -7.34
CA ASP A 287 17.11 -12.62 -6.58
C ASP A 287 17.74 -11.69 -5.54
N TRP A 288 18.49 -12.28 -4.61
CA TRP A 288 19.23 -11.54 -3.54
C TRP A 288 20.05 -10.43 -4.21
N GLY A 289 20.76 -10.82 -5.28
CA GLY A 289 21.66 -9.97 -6.07
C GLY A 289 20.95 -9.20 -7.18
N SER A 290 19.70 -9.54 -7.53
CA SER A 290 18.88 -8.87 -8.60
C SER A 290 17.54 -8.40 -8.05
N PRO A 291 17.49 -7.48 -7.05
CA PRO A 291 16.22 -7.06 -6.46
C PRO A 291 15.31 -6.22 -7.38
N LEU A 292 15.85 -5.60 -8.43
CA LEU A 292 15.12 -4.50 -9.14
C LEU A 292 14.36 -5.05 -10.36
N VAL A 293 14.66 -6.29 -10.76
CA VAL A 293 14.08 -6.92 -11.97
C VAL A 293 12.56 -7.05 -11.73
N ALA A 294 11.78 -6.92 -12.81
CA ALA A 294 10.33 -7.18 -12.84
C ALA A 294 10.13 -8.70 -12.67
N GLY A 295 9.95 -9.12 -11.41
CA GLY A 295 9.74 -10.52 -11.00
C GLY A 295 8.60 -10.58 -10.01
N GLY A 296 8.76 -11.42 -8.98
CA GLY A 296 7.80 -11.55 -7.88
C GLY A 296 8.05 -10.61 -6.72
N THR A 297 7.26 -10.78 -5.66
CA THR A 297 7.32 -9.98 -4.43
C THR A 297 7.89 -10.85 -3.33
N ALA A 298 8.58 -10.22 -2.39
CA ALA A 298 9.05 -10.87 -1.17
C ALA A 298 7.96 -10.91 -0.11
N LEU A 299 6.85 -10.17 -0.30
CA LEU A 299 5.90 -9.90 0.84
C LEU A 299 5.45 -11.21 1.50
N PRO A 300 4.98 -12.23 0.74
CA PRO A 300 4.51 -13.47 1.37
C PRO A 300 5.61 -14.17 2.18
N THR A 301 6.85 -14.13 1.75
CA THR A 301 7.96 -14.74 2.52
C THR A 301 8.06 -14.00 3.86
N LEU A 302 7.96 -12.67 3.85
CA LEU A 302 8.14 -11.85 5.10
C LEU A 302 7.13 -12.25 6.17
N ILE A 303 5.86 -12.51 5.82
CA ILE A 303 4.74 -12.51 6.81
C ILE A 303 4.08 -13.88 6.97
N SER A 304 4.64 -14.94 6.39
CA SER A 304 4.13 -16.32 6.57
C SER A 304 4.86 -17.02 7.70
N PRO A 305 4.27 -18.07 8.28
CA PRO A 305 4.76 -18.66 9.52
C PRO A 305 6.14 -19.30 9.29
N TYR A 306 7.01 -19.11 10.25
CA TYR A 306 8.39 -19.62 10.21
C TYR A 306 8.38 -21.14 10.34
N ILE A 307 9.03 -21.80 9.37
CA ILE A 307 9.19 -23.27 9.26
C ILE A 307 7.82 -23.93 9.36
N TRP A 308 6.82 -23.30 8.73
CA TRP A 308 5.54 -23.98 8.41
C TRP A 308 5.83 -25.21 7.56
N PRO A 309 5.13 -26.35 7.81
CA PRO A 309 5.21 -27.47 6.87
C PRO A 309 4.51 -27.16 5.53
N ASN A 310 5.31 -26.73 4.55
CA ASN A 310 4.93 -26.38 3.16
C ASN A 310 3.87 -27.37 2.63
N GLY A 311 2.76 -26.82 2.17
CA GLY A 311 1.65 -27.57 1.53
C GLY A 311 0.53 -27.89 2.50
N THR A 312 0.79 -27.92 3.82
CA THR A 312 -0.26 -28.11 4.84
C THR A 312 -1.29 -26.97 4.71
N ASP A 313 -2.56 -27.31 4.45
CA ASP A 313 -3.63 -26.30 4.21
C ASP A 313 -3.24 -25.41 3.03
N ASN A 314 -2.42 -25.90 2.08
CA ASN A 314 -2.04 -25.16 0.86
C ASN A 314 -1.43 -23.81 1.22
N HIS A 315 -0.76 -23.76 2.36
CA HIS A 315 0.06 -22.59 2.76
C HIS A 315 1.51 -23.02 2.79
N ASP A 316 2.40 -22.05 2.57
CA ASP A 316 3.87 -22.21 2.62
C ASP A 316 4.44 -21.33 3.75
N ARG A 317 5.71 -21.57 4.04
CA ARG A 317 6.44 -20.94 5.15
C ARG A 317 6.92 -19.53 4.78
N GLY A 318 7.30 -18.79 5.81
CA GLY A 318 7.91 -17.48 5.67
C GLY A 318 8.80 -17.20 6.84
N TRP A 319 8.98 -15.92 7.18
CA TRP A 319 9.92 -15.49 8.26
C TRP A 319 9.21 -15.03 9.54
N GLY A 320 7.88 -15.08 9.64
CA GLY A 320 7.08 -14.79 10.83
C GLY A 320 7.05 -13.29 11.22
N PHE A 321 7.19 -12.40 10.25
CA PHE A 321 6.87 -10.99 10.47
C PHE A 321 5.38 -10.75 10.37
N CYS A 322 4.98 -9.62 10.99
CA CYS A 322 3.61 -9.09 11.00
C CYS A 322 2.56 -10.16 11.26
N PRO A 323 2.62 -10.92 12.38
CA PRO A 323 1.48 -11.71 12.86
C PRO A 323 0.28 -10.78 13.01
N VAL A 324 -0.92 -11.32 12.77
CA VAL A 324 -2.16 -10.56 12.97
C VAL A 324 -2.53 -10.64 14.47
N ARG A 325 -2.79 -9.47 15.07
CA ARG A 325 -3.19 -9.36 16.50
C ARG A 325 -4.44 -10.18 16.78
N LYS A 326 -4.43 -10.90 17.88
CA LYS A 326 -5.65 -11.60 18.39
C LYS A 326 -6.82 -10.60 18.39
N GLU A 327 -6.58 -9.35 18.78
CA GLU A 327 -7.66 -8.34 18.89
C GLU A 327 -8.25 -8.05 17.50
N THR A 328 -7.46 -8.19 16.43
CA THR A 328 -7.96 -7.97 15.05
C THR A 328 -8.96 -9.07 14.72
N TYR A 329 -8.62 -10.29 15.03
CA TYR A 329 -9.58 -11.41 14.79
C TYR A 329 -10.88 -11.20 15.59
N GLU A 330 -10.75 -10.81 16.85
CA GLU A 330 -11.89 -10.65 17.80
C GLU A 330 -12.78 -9.46 17.46
N ARG A 331 -12.36 -8.47 16.66
CA ARG A 331 -13.20 -7.27 16.41
C ARG A 331 -14.27 -7.61 15.36
N TYR A 332 -14.12 -8.70 14.61
CA TYR A 332 -15.08 -9.15 13.57
C TYR A 332 -16.25 -9.93 14.18
N SER A 333 -17.44 -9.68 13.64
CA SER A 333 -18.61 -10.59 13.77
C SER A 333 -18.30 -11.94 13.08
N ASN A 334 -18.84 -13.05 13.62
CA ASN A 334 -18.70 -14.45 13.12
C ASN A 334 -19.09 -14.60 11.64
N ASN A 335 -20.00 -13.78 11.15
CA ASN A 335 -20.50 -13.88 9.76
C ASN A 335 -19.88 -12.77 8.88
N ASP A 336 -18.91 -12.01 9.40
CA ASP A 336 -18.10 -11.10 8.56
C ASP A 336 -17.09 -11.97 7.79
N THR A 337 -17.26 -12.08 6.48
CA THR A 337 -16.37 -12.93 5.63
C THR A 337 -14.93 -12.38 5.68
N ARG A 338 -14.77 -11.11 6.00
CA ARG A 338 -13.43 -10.47 6.07
C ARG A 338 -12.59 -11.07 7.20
N ARG A 339 -13.22 -11.64 8.23
CA ARG A 339 -12.47 -12.13 9.39
C ARG A 339 -11.51 -13.22 8.90
N ASN A 340 -12.03 -14.27 8.27
CA ASN A 340 -11.14 -15.38 7.81
C ASN A 340 -10.32 -14.98 6.58
N ALA A 341 -10.77 -14.00 5.79
CA ALA A 341 -10.01 -13.57 4.60
C ALA A 341 -8.81 -12.72 5.05
N THR A 342 -8.91 -12.17 6.26
CA THR A 342 -7.85 -11.30 6.85
C THR A 342 -6.94 -12.15 7.75
N CYS A 343 -7.52 -12.99 8.59
CA CYS A 343 -6.83 -13.65 9.73
C CYS A 343 -6.82 -15.16 9.47
N TRP A 344 -5.68 -15.71 9.07
CA TRP A 344 -5.54 -17.16 8.81
C TRP A 344 -5.05 -17.77 10.13
N ASN A 345 -5.87 -18.61 10.73
CA ASN A 345 -5.57 -19.26 12.03
C ASN A 345 -4.67 -20.47 11.77
N ALA A 346 -3.39 -20.22 11.57
CA ALA A 346 -2.37 -21.23 11.29
C ALA A 346 -2.36 -22.26 12.42
N GLN A 347 -2.41 -21.81 13.68
CA GLN A 347 -2.29 -22.75 14.82
C GLN A 347 -3.51 -23.66 14.85
N ALA A 348 -4.72 -23.14 14.63
CA ALA A 348 -5.97 -23.94 14.64
C ALA A 348 -5.85 -25.04 13.58
N VAL A 349 -5.24 -24.73 12.44
CA VAL A 349 -5.05 -25.70 11.32
C VAL A 349 -4.21 -26.89 11.82
N LEU A 350 -3.11 -26.61 12.50
CA LEU A 350 -2.26 -27.70 13.00
C LEU A 350 -2.96 -28.45 14.16
N ASP A 351 -3.65 -27.75 15.06
CA ASP A 351 -4.39 -28.35 16.21
C ASP A 351 -5.37 -29.37 15.62
N ALA A 352 -6.06 -29.01 14.55
CA ALA A 352 -7.06 -29.89 13.87
C ALA A 352 -6.34 -31.10 13.30
N HIS A 353 -5.31 -30.84 12.50
CA HIS A 353 -4.44 -31.87 11.88
C HIS A 353 -3.98 -32.90 12.91
N ASN A 354 -3.54 -32.44 14.08
CA ASN A 354 -2.91 -33.29 15.12
C ASN A 354 -3.97 -34.13 15.85
N ALA A 355 -5.16 -33.58 16.10
CA ALA A 355 -6.36 -34.35 16.52
C ALA A 355 -6.63 -35.47 15.49
N GLU A 356 -6.69 -35.16 14.19
CA GLU A 356 -7.05 -36.13 13.11
C GLU A 356 -5.88 -37.07 12.77
N HIS A 357 -4.68 -36.91 13.35
CA HIS A 357 -3.52 -37.83 13.19
C HIS A 357 -2.56 -37.75 14.37
N PRO A 358 -2.83 -38.37 15.54
CA PRO A 358 -1.94 -38.22 16.70
C PRO A 358 -0.52 -38.76 16.43
N GLY A 359 -0.34 -39.57 15.38
CA GLY A 359 0.96 -40.09 14.93
C GLY A 359 1.80 -38.99 14.28
N ASP A 360 1.23 -38.36 13.26
CA ASP A 360 1.88 -37.36 12.37
C ASP A 360 1.67 -35.93 12.92
N LYS A 361 2.04 -35.64 14.17
CA LYS A 361 1.84 -34.32 14.85
C LYS A 361 2.73 -33.25 14.21
N LEU A 362 2.21 -32.06 13.93
CA LEU A 362 3.00 -30.99 13.27
C LEU A 362 3.01 -29.75 14.16
N SER A 363 4.06 -28.94 14.02
CA SER A 363 4.11 -27.57 14.57
C SER A 363 4.78 -26.66 13.53
N TYR A 364 4.60 -25.35 13.65
CA TYR A 364 5.53 -24.37 13.04
C TYR A 364 6.37 -23.82 14.20
N THR A 365 7.33 -22.96 13.87
CA THR A 365 8.22 -22.28 14.82
C THR A 365 7.68 -20.88 15.13
N THR A 366 7.03 -20.74 16.29
CA THR A 366 6.46 -19.44 16.73
C THR A 366 7.64 -18.49 16.93
N ARG A 367 7.48 -17.25 16.52
CA ARG A 367 8.54 -16.24 16.70
C ARG A 367 8.01 -15.13 17.60
N TYR A 368 8.70 -13.99 17.65
CA TYR A 368 8.35 -12.90 18.54
C TYR A 368 6.94 -12.40 18.19
N GLN A 369 6.12 -12.17 19.21
CA GLN A 369 4.75 -11.61 19.05
C GLN A 369 3.83 -12.59 18.30
N ASP A 370 4.11 -13.88 18.34
CA ASP A 370 3.26 -14.92 17.70
C ASP A 370 1.86 -14.86 18.31
N THR A 371 0.83 -14.93 17.48
CA THR A 371 -0.58 -14.99 17.95
C THR A 371 -1.25 -16.28 17.46
N GLY A 372 -0.63 -17.03 16.54
CA GLY A 372 -1.34 -18.12 15.83
C GLY A 372 -2.05 -17.64 14.57
N PHE A 373 -2.15 -16.33 14.35
CA PHE A 373 -2.83 -15.74 13.16
C PHE A 373 -1.81 -15.06 12.28
N PHE A 374 -1.99 -15.22 10.98
CA PHE A 374 -1.19 -14.54 9.94
C PHE A 374 -2.10 -13.86 8.93
N LEU A 375 -1.54 -12.90 8.20
CA LEU A 375 -2.33 -12.06 7.26
C LEU A 375 -2.59 -12.89 6.01
N GLU A 376 -3.81 -13.43 5.92
CA GLU A 376 -4.22 -14.31 4.82
C GLU A 376 -4.13 -13.61 3.47
N LYS A 377 -4.42 -12.31 3.39
CA LYS A 377 -4.47 -11.59 2.11
C LYS A 377 -3.19 -11.81 1.30
N TYR A 378 -2.04 -11.80 1.96
CA TYR A 378 -0.71 -11.83 1.30
C TYR A 378 0.11 -13.03 1.80
N ALA A 379 -0.56 -14.03 2.38
CA ALA A 379 0.09 -15.26 2.84
C ALA A 379 0.67 -16.02 1.63
N ALA A 380 1.75 -16.75 1.89
CA ALA A 380 2.40 -17.67 0.94
C ALA A 380 1.46 -18.85 0.70
N ILE A 381 0.93 -18.94 -0.51
CA ILE A 381 -0.04 -20.02 -0.86
C ILE A 381 0.69 -21.01 -1.77
N THR A 382 0.68 -22.28 -1.40
CA THR A 382 1.36 -23.34 -2.21
C THR A 382 1.01 -23.17 -3.70
N GLY A 383 2.00 -23.08 -4.57
CA GLY A 383 1.77 -22.91 -6.01
C GLY A 383 1.99 -21.47 -6.50
N ASN A 384 1.93 -20.45 -5.63
CA ASN A 384 1.97 -19.01 -6.04
C ASN A 384 3.41 -18.57 -6.39
N ASN A 385 4.40 -19.45 -6.27
CA ASN A 385 5.78 -19.15 -6.77
C ASN A 385 6.26 -20.30 -7.66
N LYS A 386 5.37 -21.18 -8.16
CA LYS A 386 5.78 -22.54 -8.63
C LYS A 386 6.54 -22.43 -9.95
N ASP A 387 6.38 -21.34 -10.72
CA ASP A 387 6.98 -21.16 -12.08
C ASP A 387 8.20 -20.23 -12.06
N GLN A 388 8.71 -19.87 -10.88
CA GLN A 388 9.86 -18.93 -10.81
C GLN A 388 11.16 -19.72 -11.14
N LYS A 389 12.20 -19.02 -11.59
CA LYS A 389 13.44 -19.62 -12.17
C LYS A 389 14.68 -19.18 -11.37
N SER A 390 14.49 -18.64 -10.16
CA SER A 390 15.55 -18.06 -9.29
C SER A 390 15.29 -18.37 -7.79
N SER A 391 15.28 -17.36 -6.91
CA SER A 391 14.99 -17.51 -5.46
C SER A 391 13.47 -17.57 -5.25
N SER A 392 12.97 -18.72 -4.79
CA SER A 392 11.53 -18.97 -4.50
C SER A 392 11.02 -17.91 -3.51
N GLU A 393 11.91 -17.42 -2.63
CA GLU A 393 11.54 -16.53 -1.52
C GLU A 393 11.17 -15.14 -2.05
N LEU A 394 11.71 -14.72 -3.19
CA LEU A 394 11.52 -13.35 -3.69
C LEU A 394 10.57 -13.33 -4.89
N ASN A 395 9.98 -14.45 -5.27
CA ASN A 395 9.24 -14.48 -6.56
C ASN A 395 7.81 -14.93 -6.40
N TRP A 396 7.10 -14.44 -5.37
CA TRP A 396 5.63 -14.69 -5.26
C TRP A 396 4.90 -13.85 -6.32
N ASN A 397 3.79 -14.37 -6.86
CA ASN A 397 3.01 -13.74 -7.93
C ASN A 397 1.97 -12.76 -7.34
N ASN A 398 1.85 -12.60 -6.02
CA ASN A 398 0.76 -11.75 -5.44
C ASN A 398 0.92 -10.28 -5.84
N ASN A 399 0.06 -9.75 -6.69
CA ASN A 399 0.05 -8.29 -6.89
C ASN A 399 -0.26 -7.54 -5.59
N LEU A 400 0.28 -6.34 -5.41
CA LEU A 400 -0.04 -5.48 -4.23
C LEU A 400 -1.25 -4.64 -4.62
N ARG A 401 -2.41 -4.89 -3.98
CA ARG A 401 -3.62 -4.08 -4.28
C ARG A 401 -3.45 -2.68 -3.68
N ILE A 402 -3.55 -1.63 -4.47
CA ILE A 402 -3.38 -0.23 -4.00
C ILE A 402 -4.75 0.42 -3.77
N TYR A 403 -5.60 0.45 -4.82
CA TYR A 403 -6.97 1.06 -4.78
C TYR A 403 -8.00 0.03 -5.22
N ARG A 404 -8.96 -0.17 -4.32
CA ARG A 404 -10.12 -1.09 -4.55
C ARG A 404 -11.38 -0.24 -4.49
N TYR A 405 -12.41 -0.68 -5.20
CA TYR A 405 -13.66 0.06 -5.30
C TYR A 405 -14.32 0.25 -3.93
N SER A 406 -14.15 -0.66 -2.97
CA SER A 406 -14.71 -0.43 -1.61
C SER A 406 -14.13 0.88 -1.02
N GLU A 407 -12.91 1.25 -1.40
CA GLU A 407 -12.32 2.52 -0.96
C GLU A 407 -13.00 3.70 -1.65
N THR A 408 -13.34 3.54 -2.93
CA THR A 408 -14.13 4.56 -3.64
C THR A 408 -15.44 4.82 -2.86
N LEU A 409 -16.18 3.76 -2.55
CA LEU A 409 -17.50 3.86 -1.87
C LEU A 409 -17.35 4.49 -0.48
N LEU A 410 -16.36 4.07 0.30
CA LEU A 410 -16.15 4.61 1.66
C LEU A 410 -15.67 6.07 1.56
N ASN A 411 -14.79 6.39 0.62
CA ASN A 411 -14.32 7.78 0.38
C ASN A 411 -15.56 8.69 0.12
N ALA A 412 -16.46 8.26 -0.79
CA ALA A 412 -17.68 9.01 -1.15
C ALA A 412 -18.58 9.15 0.09
N ALA A 413 -18.88 8.07 0.81
CA ALA A 413 -19.68 8.13 2.05
C ALA A 413 -19.06 9.20 2.99
N GLU A 414 -17.78 9.14 3.26
CA GLU A 414 -17.13 10.05 4.24
C GLU A 414 -17.25 11.49 3.74
N LEU A 415 -16.95 11.73 2.47
CA LEU A 415 -16.96 13.10 1.89
C LEU A 415 -18.40 13.67 1.96
N ILE A 416 -19.41 12.86 1.64
CA ILE A 416 -20.84 13.27 1.75
C ILE A 416 -21.11 13.64 3.22
N THR A 417 -20.71 12.76 4.15
CA THR A 417 -20.98 12.98 5.58
C THR A 417 -20.26 14.24 6.06
N ARG A 418 -19.13 14.61 5.46
CA ARG A 418 -18.34 15.79 5.89
C ARG A 418 -18.90 17.05 5.22
N GLY A 419 -20.02 16.95 4.50
CA GLY A 419 -20.70 18.11 3.89
C GLY A 419 -20.11 18.50 2.56
N ALA A 420 -19.46 17.59 1.83
CA ALA A 420 -18.85 17.91 0.51
C ALA A 420 -19.91 17.99 -0.57
N GLY A 421 -21.11 17.46 -0.33
CA GLY A 421 -22.11 17.23 -1.38
C GLY A 421 -23.22 16.34 -0.89
N GLN A 422 -24.32 16.33 -1.62
CA GLN A 422 -25.41 15.38 -1.31
C GLN A 422 -25.13 14.08 -2.08
N GLY A 423 -25.62 12.95 -1.57
CA GLY A 423 -25.40 11.63 -2.18
C GLY A 423 -25.78 10.59 -1.17
N ASP A 424 -25.92 9.32 -1.59
CA ASP A 424 -26.42 8.29 -0.66
C ASP A 424 -25.21 7.69 0.09
N ALA A 425 -24.74 8.39 1.12
CA ALA A 425 -23.64 7.90 1.99
C ALA A 425 -24.07 6.59 2.64
N LYS A 426 -25.34 6.48 3.04
CA LYS A 426 -25.81 5.27 3.72
C LYS A 426 -25.73 4.10 2.74
N LYS A 427 -26.15 4.29 1.50
CA LYS A 427 -26.14 3.19 0.50
C LYS A 427 -24.68 2.76 0.28
N TYR A 428 -23.79 3.72 0.10
CA TYR A 428 -22.38 3.46 -0.25
C TYR A 428 -21.73 2.68 0.88
N LEU A 429 -21.88 3.14 2.13
CA LEU A 429 -21.36 2.44 3.34
C LEU A 429 -21.88 1.01 3.42
N ASN A 430 -23.17 0.81 3.20
CA ASN A 430 -23.80 -0.50 3.43
C ASN A 430 -23.51 -1.42 2.26
N LEU A 431 -23.14 -0.91 1.07
CA LEU A 431 -22.75 -1.83 -0.05
C LEU A 431 -21.51 -2.60 0.40
N VAL A 432 -20.60 -1.91 1.03
CA VAL A 432 -19.35 -2.50 1.60
C VAL A 432 -19.67 -3.40 2.80
N HIS A 433 -20.44 -2.90 3.78
CA HIS A 433 -20.82 -3.63 5.02
C HIS A 433 -21.51 -4.94 4.64
N LYS A 434 -22.43 -4.88 3.70
CA LYS A 434 -23.27 -6.05 3.35
C LYS A 434 -22.51 -6.99 2.42
N ARG A 435 -21.55 -6.50 1.64
CA ARG A 435 -20.74 -7.39 0.78
C ARG A 435 -20.02 -8.38 1.70
N ALA A 436 -19.62 -7.95 2.89
CA ALA A 436 -18.89 -8.78 3.89
C ALA A 436 -19.78 -9.81 4.61
N GLY A 437 -21.07 -9.89 4.27
CA GLY A 437 -22.00 -10.88 4.85
C GLY A 437 -22.76 -10.34 6.06
N LEU A 438 -22.66 -9.05 6.38
CA LEU A 438 -23.25 -8.50 7.63
C LEU A 438 -24.71 -8.17 7.31
N VAL A 439 -25.63 -8.56 8.18
CA VAL A 439 -27.08 -8.36 7.87
C VAL A 439 -27.52 -6.99 8.40
N THR A 440 -26.93 -6.48 9.48
CA THR A 440 -27.39 -5.21 10.11
C THR A 440 -26.82 -4.04 9.31
N GLU A 441 -27.67 -3.13 8.82
CA GLU A 441 -27.25 -1.87 8.17
C GLU A 441 -26.83 -0.87 9.25
N ILE A 442 -25.87 -0.01 8.93
CA ILE A 442 -25.30 0.97 9.89
C ILE A 442 -25.47 2.36 9.29
N GLU A 443 -25.60 3.35 10.17
CA GLU A 443 -25.77 4.77 9.78
C GLU A 443 -24.41 5.29 9.34
N PRO A 444 -24.37 6.21 8.36
CA PRO A 444 -23.11 6.78 7.89
C PRO A 444 -22.59 7.92 8.78
N THR A 445 -22.39 7.64 10.06
CA THR A 445 -21.56 8.51 10.94
C THR A 445 -20.09 8.42 10.51
N LEU A 446 -19.29 9.43 10.81
CA LEU A 446 -17.83 9.42 10.58
C LEU A 446 -17.24 8.23 11.31
N ASP A 447 -17.61 8.02 12.58
CA ASP A 447 -17.02 6.88 13.35
C ASP A 447 -17.33 5.56 12.65
N ASN A 448 -18.56 5.38 12.19
CA ASN A 448 -18.98 4.12 11.52
C ASN A 448 -18.17 3.95 10.21
N ILE A 449 -17.98 5.00 9.43
CA ILE A 449 -17.29 4.92 8.12
C ILE A 449 -15.80 4.60 8.36
N ILE A 450 -15.19 5.27 9.33
CA ILE A 450 -13.77 5.06 9.68
C ILE A 450 -13.60 3.63 10.18
N GLU A 451 -14.52 3.14 10.99
CA GLU A 451 -14.45 1.73 11.46
C GLU A 451 -14.67 0.75 10.30
N GLU A 452 -15.50 1.08 9.30
CA GLU A 452 -15.69 0.16 8.15
C GLU A 452 -14.38 0.08 7.38
N ARG A 453 -13.67 1.19 7.20
CA ARG A 453 -12.32 1.17 6.58
C ARG A 453 -11.42 0.22 7.36
N HIS A 454 -11.45 0.31 8.69
CA HIS A 454 -10.63 -0.47 9.62
C HIS A 454 -10.86 -1.97 9.35
N LEU A 455 -12.13 -2.35 9.23
CA LEU A 455 -12.55 -3.76 8.99
C LEU A 455 -12.12 -4.19 7.57
N GLU A 456 -12.16 -3.25 6.62
CA GLU A 456 -12.04 -3.50 5.15
C GLU A 456 -10.58 -3.68 4.69
N PHE A 457 -9.64 -2.96 5.29
CA PHE A 457 -8.29 -2.76 4.72
C PHE A 457 -7.15 -3.19 5.65
N VAL A 458 -7.34 -4.15 6.51
CA VAL A 458 -6.22 -4.62 7.36
C VAL A 458 -5.07 -5.02 6.43
N GLY A 459 -3.86 -4.53 6.69
CA GLY A 459 -2.66 -5.01 5.98
C GLY A 459 -2.51 -4.39 4.60
N GLU A 460 -3.32 -3.39 4.26
CA GLU A 460 -3.31 -2.76 2.93
C GLU A 460 -2.77 -1.33 3.01
N GLY A 461 -2.18 -0.94 4.13
CA GLY A 461 -1.48 0.37 4.25
C GLY A 461 -2.42 1.57 4.34
N LYS A 462 -3.60 1.42 4.95
CA LYS A 462 -4.62 2.51 5.06
C LYS A 462 -4.78 3.00 6.51
N ARG A 463 -4.75 2.10 7.48
CA ARG A 463 -5.25 2.35 8.86
C ARG A 463 -4.43 3.48 9.54
N TYR A 464 -3.12 3.44 9.43
CA TYR A 464 -2.26 4.42 10.14
C TYR A 464 -2.63 5.82 9.64
N TRP A 465 -2.70 5.99 8.32
CA TRP A 465 -3.05 7.30 7.71
C TRP A 465 -4.48 7.70 8.12
N ASP A 466 -5.44 6.76 8.16
CA ASP A 466 -6.83 7.08 8.56
C ASP A 466 -6.85 7.59 10.04
N LEU A 467 -6.11 6.94 10.94
CA LEU A 467 -6.06 7.35 12.37
C LEU A 467 -5.51 8.77 12.46
N ILE A 468 -4.43 9.05 11.73
CA ILE A 468 -3.75 10.36 11.88
C ILE A 468 -4.70 11.42 11.32
N ARG A 469 -5.26 11.25 10.11
CA ARG A 469 -6.00 12.33 9.39
C ARG A 469 -7.33 12.64 10.09
N THR A 470 -7.89 11.68 10.85
CA THR A 470 -9.20 11.84 11.54
C THR A 470 -9.01 12.29 13.00
N GLY A 471 -7.76 12.43 13.46
CA GLY A 471 -7.42 12.86 14.83
C GLY A 471 -7.57 11.75 15.85
N LYS A 472 -7.56 10.49 15.44
CA LYS A 472 -7.85 9.38 16.37
C LYS A 472 -6.56 8.75 16.87
N ALA A 473 -5.41 9.02 16.25
CA ALA A 473 -4.16 8.29 16.49
C ALA A 473 -3.73 8.42 17.96
N ALA A 474 -3.80 9.63 18.53
CA ALA A 474 -3.41 9.88 19.95
C ALA A 474 -4.24 9.02 20.89
N SER A 475 -5.53 8.84 20.67
CA SER A 475 -6.36 8.06 21.63
C SER A 475 -6.32 6.56 21.32
N VAL A 476 -6.02 6.12 20.08
CA VAL A 476 -6.08 4.67 19.72
C VAL A 476 -4.71 4.03 19.92
N LEU A 477 -3.64 4.69 19.55
CA LEU A 477 -2.28 4.09 19.53
C LEU A 477 -1.55 4.36 20.85
N VAL A 478 -1.96 3.61 21.89
CA VAL A 478 -1.50 3.75 23.30
C VAL A 478 -0.84 2.45 23.73
N PRO A 479 -0.11 2.42 24.87
CA PRO A 479 0.56 1.20 25.33
C PRO A 479 -0.44 0.04 25.46
N ASP A 480 0.00 -1.16 25.06
CA ASP A 480 -0.83 -2.37 25.12
C ASP A 480 -0.50 -3.18 26.38
N ALA A 481 -1.34 -4.15 26.66
CA ALA A 481 -1.24 -5.07 27.80
C ALA A 481 -0.17 -6.14 27.55
N TYR A 482 0.47 -6.19 26.39
CA TYR A 482 1.53 -7.19 26.10
C TYR A 482 2.91 -6.62 26.42
N GLY A 483 3.01 -5.32 26.64
CA GLY A 483 4.30 -4.64 26.77
C GLY A 483 5.04 -4.49 25.46
N TYR A 484 4.35 -4.60 24.32
CA TYR A 484 4.96 -4.48 22.96
C TYR A 484 5.06 -3.01 22.63
N ARG A 485 3.94 -2.32 22.43
CA ARG A 485 3.95 -0.85 22.33
C ARG A 485 3.96 -0.29 23.77
N THR A 486 4.97 0.52 24.08
CA THR A 486 5.17 1.10 25.43
C THR A 486 5.04 2.63 25.37
N ASN A 487 4.94 3.21 24.17
CA ASN A 487 4.75 4.66 23.96
C ASN A 487 3.36 4.93 23.42
N SER A 488 2.87 6.16 23.62
CA SER A 488 1.64 6.68 23.00
C SER A 488 2.00 7.50 21.78
N TRP A 489 1.22 7.42 20.71
CA TRP A 489 1.39 8.33 19.55
C TRP A 489 1.13 9.77 20.00
N SER A 490 1.88 10.73 19.45
CA SER A 490 1.61 12.18 19.61
C SER A 490 1.95 12.86 18.31
N SER A 491 1.55 14.12 18.14
CA SER A 491 1.64 14.81 16.83
C SER A 491 3.07 14.85 16.33
N SER A 492 4.12 14.83 17.20
CA SER A 492 5.53 14.82 16.78
C SER A 492 5.84 13.54 15.99
N LYS A 493 5.03 12.49 16.14
CA LYS A 493 5.33 11.20 15.49
C LYS A 493 4.73 11.15 14.09
N LYS A 494 4.03 12.17 13.64
CA LYS A 494 3.37 12.16 12.29
C LYS A 494 4.40 11.94 11.16
N TYR A 495 5.59 12.54 11.23
CA TYR A 495 6.67 12.46 10.22
C TYR A 495 7.87 11.73 10.84
N LEU A 496 8.35 10.65 10.21
CA LEU A 496 9.48 9.85 10.75
C LEU A 496 10.76 10.69 10.67
N PRO A 497 11.79 10.35 11.47
CA PRO A 497 13.12 10.93 11.30
C PRO A 497 13.62 10.63 9.88
N ILE A 498 14.13 11.67 9.20
CA ILE A 498 14.90 11.51 7.93
C ILE A 498 16.15 10.70 8.19
N PRO A 499 16.52 9.69 7.35
CA PRO A 499 17.75 8.92 7.55
C PRO A 499 18.99 9.82 7.77
N GLN A 500 19.86 9.41 8.71
CA GLN A 500 21.07 10.20 9.09
C GLN A 500 21.97 10.37 7.86
N LYS A 501 22.11 9.34 7.03
CA LYS A 501 22.91 9.43 5.79
C LYS A 501 22.38 10.56 4.88
N GLU A 502 21.07 10.80 4.81
CA GLU A 502 20.53 11.92 3.99
C GLU A 502 20.83 13.26 4.67
N ILE A 503 20.71 13.38 5.99
CA ILE A 503 21.00 14.65 6.71
C ILE A 503 22.47 15.02 6.46
N ASP A 504 23.34 14.02 6.53
CA ASP A 504 24.82 14.13 6.43
C ASP A 504 25.20 14.58 5.01
N ALA A 505 24.53 14.02 4.00
CA ALA A 505 24.82 14.30 2.58
C ALA A 505 24.32 15.69 2.20
N ALA A 506 23.31 16.24 2.88
CA ALA A 506 22.72 17.53 2.47
C ALA A 506 23.58 18.71 2.96
N LYS A 507 24.54 18.48 3.86
CA LYS A 507 25.40 19.56 4.43
C LYS A 507 24.54 20.74 4.95
N GLY A 508 23.62 20.45 5.86
CA GLY A 508 22.74 21.43 6.52
C GLY A 508 21.58 21.87 5.67
N THR A 509 21.46 21.38 4.43
CA THR A 509 20.34 21.60 3.48
C THR A 509 19.02 21.01 4.01
N LEU A 510 19.08 19.82 4.62
CA LEU A 510 17.91 19.03 5.15
C LEU A 510 17.76 19.25 6.67
N VAL A 511 16.69 19.93 7.12
CA VAL A 511 16.33 20.08 8.56
C VAL A 511 15.64 18.78 9.00
N GLN A 512 16.24 18.07 9.96
CA GLN A 512 15.70 16.85 10.62
C GLN A 512 14.33 17.15 11.25
N ASN A 513 13.40 16.20 11.17
CA ASN A 513 12.07 16.35 11.79
C ASN A 513 12.24 16.31 13.31
N ASN A 514 11.40 17.05 14.01
N ASN A 514 11.34 16.94 14.06
CA ASN A 514 11.24 17.05 15.49
CA ASN A 514 11.38 17.02 15.55
C ASN A 514 10.33 15.88 15.84
C ASN A 514 10.49 15.89 16.12
N TYR A 515 10.84 14.64 15.81
CA TYR A 515 10.01 13.42 16.04
C TYR A 515 10.15 12.91 17.47
#